data_8HVD
#
_entry.id   8HVD
#
_cell.length_a   52.779
_cell.length_b   60.825
_cell.length_c   88.232
_cell.angle_alpha   90.00
_cell.angle_beta   98.19
_cell.angle_gamma   90.00
#
_symmetry.space_group_name_H-M   'P 1 21 1'
#
loop_
_entity.id
_entity.type
_entity.pdbx_description
1 polymer Lacto-N-biosidase
2 branched beta-D-galactopyranose-(1-3)-2-acetamido-2-deoxy-alpha-D-galactopyranose
3 water water
#
_entity_poly.entity_id   1
_entity_poly.type   'polypeptide(L)'
_entity_poly.pdbx_seq_one_letter_code
;GPSAGEGGSAAAAPPEVLPTLREWQGGQGEFTLTDRAGIVLDGVRDSRTAADARRFAGELNGKASVSQGRAARPGDIVLR
QDPAQKGLLGAEGYRLTVGTRITVTAATSTGVFYGTRTVLQLLNDDGRAARGSATDVPAYRERGVGVCACYINISTQWFE
RLMKDMASQKLNQLWIEAKVKSDTDPASAFWGYYTKPQVRTLVAMARKYHIELVPEINSPGHMDTYLENHPELQLKDRDG
VASPPRLDISRPEALAYYTSMVDEALKVWDSRYWHMGADEYMIGSSYPDYPQLQAAARAKFGASATPDDLFTDFINQVNA
HVKADGRSLRIWNDGLAGKNAVVPLDRDITVEHWLSGGSIQQPSSLLAEGRPVMNSAYSLYLVRGGFTMQTQKLYESDWT
PLRFEGQTLTQGAANLTGAKISLWPDSAAAETENEVETKVFMPLRFVAQATWGGPKPSPTYAGFEALARKIGHAPGWENT
DRTPLADGTYRLTTGAKALAPTADAGVSLVKNSAASWALTATADGYYTVRSTESGQCLDAVRGKKYLGAPLEVGAELSLA
NCSTTARTQRWQLDTGAGALTLRNAISQLHLTERASDGAAVQTTGATRLTARAA
;
_entity_poly.pdbx_strand_id   A
#
loop_
_chem_comp.id
_chem_comp.type
_chem_comp.name
_chem_comp.formula
A2G D-saccharide, alpha linking 2-acetamido-2-deoxy-alpha-D-galactopyranose 'C8 H15 N O6'
GAL D-saccharide, beta linking beta-D-galactopyranose 'C6 H12 O6'
#
# COMPACT_ATOMS: atom_id res chain seq x y z
N ALA A 13 -21.43 -27.19 9.62
CA ALA A 13 -20.31 -26.33 10.07
C ALA A 13 -20.12 -25.23 9.03
N PRO A 14 -19.75 -24.00 9.45
CA PRO A 14 -19.48 -22.95 8.48
C PRO A 14 -18.28 -23.34 7.61
N PRO A 15 -18.26 -22.95 6.32
CA PRO A 15 -17.09 -23.19 5.46
C PRO A 15 -15.85 -22.53 6.04
N GLU A 16 -14.73 -23.22 5.86
CA GLU A 16 -13.42 -22.73 6.28
C GLU A 16 -12.91 -21.75 5.22
N VAL A 17 -13.47 -20.54 5.20
CA VAL A 17 -13.06 -19.48 4.30
C VAL A 17 -12.58 -18.28 5.12
N LEU A 18 -11.76 -17.42 4.52
CA LEU A 18 -11.28 -16.20 5.16
C LEU A 18 -11.48 -15.03 4.21
N PRO A 19 -11.92 -13.86 4.70
CA PRO A 19 -12.55 -13.78 6.04
C PRO A 19 -13.79 -14.65 6.13
N THR A 20 -14.19 -14.96 7.37
CA THR A 20 -15.37 -15.82 7.54
C THR A 20 -16.65 -15.15 7.07
N LEU A 21 -17.62 -15.99 6.64
CA LEU A 21 -18.94 -15.50 6.30
C LEU A 21 -19.64 -14.99 7.54
N ARG A 22 -20.46 -13.95 7.39
CA ARG A 22 -21.14 -13.42 8.57
C ARG A 22 -22.02 -14.48 9.20
N GLU A 23 -22.46 -15.46 8.41
CA GLU A 23 -23.32 -16.51 8.92
C GLU A 23 -23.27 -17.67 7.93
N TRP A 24 -23.93 -18.76 8.29
CA TRP A 24 -24.00 -19.90 7.38
C TRP A 24 -25.11 -20.83 7.86
N GLN A 25 -26.10 -20.96 6.98
CA GLN A 25 -27.15 -21.95 7.19
C GLN A 25 -26.76 -23.21 6.41
N GLY A 26 -26.18 -24.17 7.14
CA GLY A 26 -25.68 -25.39 6.53
C GLY A 26 -26.83 -26.32 6.13
N GLY A 27 -26.68 -27.00 4.98
CA GLY A 27 -27.43 -28.23 4.73
C GLY A 27 -26.53 -29.44 4.48
N GLN A 28 -27.13 -30.62 4.32
CA GLN A 28 -26.35 -31.78 3.87
C GLN A 28 -26.24 -31.74 2.35
N GLY A 29 -25.31 -32.56 1.87
CA GLY A 29 -25.02 -32.71 0.46
C GLY A 29 -23.93 -31.76 0.00
N GLU A 30 -23.66 -31.80 -1.28
CA GLU A 30 -22.58 -31.03 -1.84
C GLU A 30 -22.92 -30.61 -3.26
N PHE A 31 -22.28 -29.53 -3.67
CA PHE A 31 -22.25 -29.07 -5.04
C PHE A 31 -20.97 -29.59 -5.66
N THR A 32 -21.01 -30.02 -6.92
CA THR A 32 -19.79 -30.46 -7.58
C THR A 32 -19.63 -29.68 -8.89
N LEU A 33 -18.46 -29.09 -9.07
CA LEU A 33 -18.16 -28.34 -10.27
C LEU A 33 -17.64 -29.26 -11.34
N THR A 34 -18.26 -29.23 -12.53
CA THR A 34 -17.82 -30.04 -13.67
C THR A 34 -17.25 -29.15 -14.78
N ASP A 35 -16.64 -29.78 -15.79
CA ASP A 35 -15.99 -29.09 -16.90
C ASP A 35 -17.01 -28.35 -17.77
N ARG A 36 -18.24 -28.86 -17.81
CA ARG A 36 -19.28 -28.25 -18.61
C ARG A 36 -19.91 -27.04 -17.90
N ALA A 37 -19.43 -26.66 -16.70
CA ALA A 37 -20.07 -25.64 -15.87
C ALA A 37 -20.05 -24.28 -16.56
N GLY A 38 -21.18 -23.54 -16.54
CA GLY A 38 -21.16 -22.17 -17.02
C GLY A 38 -21.01 -21.22 -15.84
N ILE A 39 -20.39 -20.09 -16.11
CA ILE A 39 -20.53 -18.91 -15.30
C ILE A 39 -21.57 -18.03 -15.98
N VAL A 40 -22.73 -17.89 -15.33
CA VAL A 40 -23.84 -17.18 -15.97
C VAL A 40 -24.18 -15.85 -15.30
N LEU A 41 -24.19 -14.77 -16.09
CA LEU A 41 -24.53 -13.44 -15.63
C LEU A 41 -25.94 -13.09 -16.08
N ASP A 42 -26.90 -13.28 -15.18
CA ASP A 42 -28.28 -13.16 -15.61
C ASP A 42 -29.03 -12.06 -14.88
N GLY A 43 -28.30 -11.15 -14.24
CA GLY A 43 -28.90 -9.91 -13.75
C GLY A 43 -28.66 -8.75 -14.71
N VAL A 44 -28.55 -7.53 -14.17
CA VAL A 44 -28.40 -6.36 -15.02
C VAL A 44 -27.07 -6.41 -15.76
N ARG A 45 -27.07 -5.89 -16.99
CA ARG A 45 -25.85 -5.81 -17.76
C ARG A 45 -24.90 -4.85 -17.05
N ASP A 46 -23.64 -5.28 -16.89
CA ASP A 46 -22.60 -4.47 -16.27
C ASP A 46 -21.29 -4.98 -16.88
N SER A 47 -20.64 -4.13 -17.70
CA SER A 47 -19.41 -4.50 -18.37
C SER A 47 -18.26 -4.73 -17.39
N ARG A 48 -18.31 -4.08 -16.22
CA ARG A 48 -17.30 -4.34 -15.21
C ARG A 48 -17.48 -5.73 -14.60
N THR A 49 -18.72 -6.09 -14.21
CA THR A 49 -19.01 -7.42 -13.72
C THR A 49 -18.61 -8.50 -14.75
N ALA A 50 -18.91 -8.25 -16.03
CA ALA A 50 -18.55 -9.17 -17.10
C ALA A 50 -17.05 -9.37 -17.23
N ALA A 51 -16.28 -8.27 -17.23
CA ALA A 51 -14.81 -8.33 -17.30
C ALA A 51 -14.28 -9.08 -16.08
N ASP A 52 -14.84 -8.80 -14.89
CA ASP A 52 -14.44 -9.52 -13.70
C ASP A 52 -14.73 -11.00 -13.86
N ALA A 53 -15.88 -11.34 -14.46
CA ALA A 53 -16.29 -12.73 -14.58
C ALA A 53 -15.37 -13.54 -15.51
N ARG A 54 -14.91 -12.92 -16.60
CA ARG A 54 -13.88 -13.53 -17.46
C ARG A 54 -12.57 -13.75 -16.70
N ARG A 55 -12.15 -12.81 -15.84
CA ARG A 55 -10.94 -13.06 -15.05
C ARG A 55 -11.16 -14.18 -14.03
N PHE A 56 -12.35 -14.18 -13.43
CA PHE A 56 -12.73 -15.20 -12.48
C PHE A 56 -12.66 -16.61 -13.08
N ALA A 57 -13.12 -16.77 -14.34
CA ALA A 57 -12.98 -18.05 -14.98
C ALA A 57 -11.52 -18.56 -14.98
N GLY A 58 -10.58 -17.67 -15.27
CA GLY A 58 -9.18 -18.02 -15.23
C GLY A 58 -8.64 -18.33 -13.83
N GLU A 59 -9.16 -17.59 -12.83
CA GLU A 59 -8.74 -17.76 -11.45
C GLU A 59 -9.18 -19.13 -10.91
N LEU A 60 -10.33 -19.62 -11.38
CA LEU A 60 -10.78 -20.96 -11.01
C LEU A 60 -9.87 -22.05 -11.59
N ASN A 61 -9.15 -21.76 -12.70
CA ASN A 61 -8.04 -22.60 -13.18
C ASN A 61 -8.52 -24.01 -13.56
N GLY A 62 -9.81 -24.11 -13.94
CA GLY A 62 -10.39 -25.28 -14.59
C GLY A 62 -10.96 -24.86 -15.95
N LYS A 63 -12.01 -25.54 -16.40
CA LYS A 63 -12.46 -25.34 -17.78
C LYS A 63 -13.79 -24.62 -17.82
N ALA A 64 -14.32 -24.19 -16.66
CA ALA A 64 -15.56 -23.44 -16.67
C ALA A 64 -15.32 -22.09 -17.33
N SER A 65 -16.36 -21.61 -18.02
CA SER A 65 -16.24 -20.40 -18.82
C SER A 65 -17.56 -19.61 -18.72
N VAL A 66 -17.51 -18.30 -19.00
CA VAL A 66 -18.70 -17.47 -19.07
C VAL A 66 -19.60 -17.96 -20.20
N SER A 67 -20.90 -18.11 -19.91
CA SER A 67 -21.90 -18.46 -20.91
C SER A 67 -22.55 -17.20 -21.47
N GLN A 68 -23.07 -17.32 -22.70
CA GLN A 68 -23.93 -16.28 -23.25
C GLN A 68 -25.11 -16.97 -23.93
N GLY A 69 -26.23 -16.27 -24.00
CA GLY A 69 -27.37 -16.66 -24.82
C GLY A 69 -28.26 -17.73 -24.17
N ARG A 70 -28.03 -18.07 -22.89
CA ARG A 70 -28.91 -19.03 -22.24
C ARG A 70 -29.20 -18.65 -20.80
N ALA A 71 -30.29 -19.22 -20.26
CA ALA A 71 -30.61 -19.08 -18.85
C ALA A 71 -29.69 -19.99 -18.03
N ALA A 72 -29.60 -19.64 -16.73
CA ALA A 72 -28.95 -20.46 -15.72
C ALA A 72 -29.57 -21.87 -15.68
N ARG A 73 -28.76 -22.87 -15.32
CA ARG A 73 -29.26 -24.24 -15.14
C ARG A 73 -28.39 -24.97 -14.15
N PRO A 74 -28.76 -26.17 -13.68
CA PRO A 74 -27.92 -26.94 -12.77
C PRO A 74 -26.50 -27.02 -13.26
N GLY A 75 -25.61 -26.71 -12.31
CA GLY A 75 -24.18 -26.96 -12.38
C GLY A 75 -23.44 -25.63 -12.49
N ASP A 76 -24.19 -24.58 -12.83
CA ASP A 76 -23.62 -23.29 -13.16
C ASP A 76 -23.12 -22.62 -11.86
N ILE A 77 -22.20 -21.68 -12.07
CA ILE A 77 -21.99 -20.64 -11.07
C ILE A 77 -22.72 -19.44 -11.61
N VAL A 78 -23.73 -18.97 -10.87
CA VAL A 78 -24.55 -17.85 -11.33
C VAL A 78 -24.16 -16.58 -10.58
N LEU A 79 -23.93 -15.51 -11.35
CA LEU A 79 -23.57 -14.20 -10.82
C LEU A 79 -24.65 -13.24 -11.23
N ARG A 80 -25.48 -12.88 -10.25
CA ARG A 80 -26.72 -12.17 -10.48
C ARG A 80 -26.70 -10.80 -9.82
N GLN A 81 -26.55 -9.78 -10.63
CA GLN A 81 -26.48 -8.41 -10.16
C GLN A 81 -27.90 -7.84 -10.19
N ASP A 82 -28.44 -7.54 -9.01
CA ASP A 82 -29.80 -7.04 -8.84
C ASP A 82 -29.77 -5.82 -7.91
N PRO A 83 -29.79 -4.60 -8.47
CA PRO A 83 -29.70 -3.40 -7.67
C PRO A 83 -30.79 -3.26 -6.62
N ALA A 84 -31.90 -3.98 -6.82
CA ALA A 84 -33.00 -3.83 -5.89
C ALA A 84 -32.67 -4.50 -4.56
N GLN A 85 -31.52 -5.19 -4.44
CA GLN A 85 -31.16 -5.85 -3.20
C GLN A 85 -30.33 -4.94 -2.30
N LYS A 86 -30.17 -3.65 -2.65
CA LYS A 86 -29.28 -2.75 -1.91
C LYS A 86 -29.64 -2.66 -0.41
N GLY A 87 -30.94 -2.64 -0.10
CA GLY A 87 -31.35 -2.53 1.28
C GLY A 87 -31.02 -3.73 2.14
N LEU A 88 -30.80 -4.90 1.50
CA LEU A 88 -30.42 -6.09 2.20
C LEU A 88 -28.92 -6.41 2.13
N LEU A 89 -28.24 -6.04 1.03
CA LEU A 89 -26.89 -6.50 0.75
C LEU A 89 -25.88 -5.35 0.70
N GLY A 90 -26.37 -4.12 0.66
CA GLY A 90 -25.54 -2.93 0.66
C GLY A 90 -24.73 -2.85 -0.63
N ALA A 91 -23.64 -2.05 -0.56
CA ALA A 91 -22.80 -1.76 -1.69
C ALA A 91 -21.78 -2.86 -1.95
N GLU A 92 -21.53 -3.71 -0.96
CA GLU A 92 -20.43 -4.68 -1.07
C GLU A 92 -20.84 -6.10 -0.67
N GLY A 93 -22.04 -6.27 -0.12
CA GLY A 93 -22.49 -7.57 0.37
C GLY A 93 -23.11 -8.45 -0.72
N TYR A 94 -23.31 -9.72 -0.39
CA TYR A 94 -23.90 -10.62 -1.36
C TYR A 94 -24.63 -11.73 -0.62
N ARG A 95 -25.56 -12.36 -1.35
CA ARG A 95 -26.19 -13.59 -0.91
C ARG A 95 -25.57 -14.75 -1.69
N LEU A 96 -25.23 -15.79 -0.95
CA LEU A 96 -24.63 -16.99 -1.50
C LEU A 96 -25.51 -18.21 -1.18
N THR A 97 -25.88 -18.96 -2.22
CA THR A 97 -26.57 -20.24 -2.06
C THR A 97 -25.81 -21.32 -2.79
N VAL A 98 -25.47 -22.37 -2.04
CA VAL A 98 -24.84 -23.53 -2.67
C VAL A 98 -25.82 -24.70 -2.59
N GLY A 99 -26.30 -25.06 -3.78
CA GLY A 99 -27.19 -26.21 -3.89
C GLY A 99 -26.71 -27.16 -4.99
N THR A 100 -27.48 -27.19 -6.07
CA THR A 100 -27.03 -27.84 -7.31
C THR A 100 -26.61 -26.77 -8.33
N ARG A 101 -26.67 -25.51 -7.93
CA ARG A 101 -25.88 -24.49 -8.60
C ARG A 101 -25.32 -23.63 -7.47
N ILE A 102 -24.31 -22.82 -7.79
CA ILE A 102 -23.86 -21.77 -6.88
C ILE A 102 -24.42 -20.49 -7.44
N THR A 103 -25.17 -19.77 -6.58
CA THR A 103 -25.72 -18.50 -6.95
C THR A 103 -25.18 -17.42 -6.00
N VAL A 104 -24.54 -16.42 -6.61
CA VAL A 104 -24.16 -15.21 -5.90
C VAL A 104 -25.08 -14.11 -6.39
N THR A 105 -25.86 -13.49 -5.49
CA THR A 105 -26.70 -12.37 -5.81
C THR A 105 -26.14 -11.15 -5.05
N ALA A 106 -26.04 -10.01 -5.70
CA ALA A 106 -25.56 -8.81 -5.03
C ALA A 106 -26.24 -7.60 -5.68
N ALA A 107 -26.16 -6.43 -5.01
CA ALA A 107 -26.75 -5.23 -5.57
C ALA A 107 -25.84 -4.47 -6.53
N THR A 108 -24.52 -4.78 -6.46
CA THR A 108 -23.49 -4.06 -7.18
C THR A 108 -22.48 -5.04 -7.77
N SER A 109 -21.69 -4.50 -8.69
CA SER A 109 -20.58 -5.21 -9.26
C SER A 109 -19.63 -5.69 -8.15
N THR A 110 -19.39 -4.82 -7.17
CA THR A 110 -18.46 -5.13 -6.09
C THR A 110 -18.98 -6.28 -5.23
N GLY A 111 -20.29 -6.30 -4.92
CA GLY A 111 -20.83 -7.41 -4.17
C GLY A 111 -20.71 -8.74 -4.92
N VAL A 112 -20.91 -8.70 -6.26
CA VAL A 112 -20.73 -9.92 -7.03
C VAL A 112 -19.25 -10.37 -6.90
N PHE A 113 -18.32 -9.41 -7.08
CA PHE A 113 -16.90 -9.66 -7.01
C PHE A 113 -16.53 -10.33 -5.68
N TYR A 114 -17.03 -9.75 -4.56
CA TYR A 114 -16.72 -10.38 -3.30
C TYR A 114 -17.31 -11.79 -3.16
N GLY A 115 -18.53 -11.98 -3.70
CA GLY A 115 -19.05 -13.34 -3.71
C GLY A 115 -18.12 -14.33 -4.44
N THR A 116 -17.54 -13.87 -5.55
CA THR A 116 -16.61 -14.72 -6.29
C THR A 116 -15.35 -15.01 -5.50
N ARG A 117 -14.92 -14.06 -4.66
CA ARG A 117 -13.76 -14.33 -3.83
C ARG A 117 -14.03 -15.49 -2.90
N THR A 118 -15.26 -15.53 -2.31
CA THR A 118 -15.62 -16.68 -1.52
C THR A 118 -15.67 -18.01 -2.31
N VAL A 119 -16.28 -17.94 -3.52
CA VAL A 119 -16.43 -19.12 -4.37
C VAL A 119 -15.05 -19.71 -4.70
N LEU A 120 -14.05 -18.86 -4.97
CA LEU A 120 -12.73 -19.38 -5.23
C LEU A 120 -12.21 -20.27 -4.11
N GLN A 121 -12.39 -19.84 -2.85
CA GLN A 121 -11.93 -20.60 -1.71
C GLN A 121 -12.78 -21.87 -1.54
N LEU A 122 -14.10 -21.76 -1.77
CA LEU A 122 -14.97 -22.94 -1.62
C LEU A 122 -14.56 -24.06 -2.59
N LEU A 123 -14.11 -23.71 -3.80
CA LEU A 123 -13.92 -24.74 -4.83
C LEU A 123 -12.44 -25.11 -5.05
N ASN A 124 -11.50 -24.55 -4.31
CA ASN A 124 -10.07 -24.71 -4.59
C ASN A 124 -9.56 -26.15 -4.51
N ASP A 125 -9.96 -26.87 -3.46
CA ASP A 125 -9.39 -28.19 -3.17
C ASP A 125 -9.80 -29.23 -4.23
N ASP A 126 -11.11 -29.46 -4.39
CA ASP A 126 -11.58 -30.56 -5.23
C ASP A 126 -12.78 -30.17 -6.09
N GLY A 127 -13.13 -28.88 -6.15
CA GLY A 127 -14.27 -28.47 -6.97
C GLY A 127 -15.61 -28.83 -6.32
N ARG A 128 -15.58 -29.21 -5.06
CA ARG A 128 -16.81 -29.54 -4.36
C ARG A 128 -16.98 -28.58 -3.20
N ALA A 129 -18.24 -28.32 -2.87
CA ALA A 129 -18.54 -27.49 -1.70
C ALA A 129 -19.79 -27.98 -0.99
N ALA A 130 -19.76 -27.84 0.32
CA ALA A 130 -20.90 -28.20 1.15
C ALA A 130 -22.05 -27.24 0.85
N ARG A 131 -23.26 -27.76 0.87
CA ARG A 131 -24.42 -26.94 0.58
C ARG A 131 -24.82 -26.10 1.80
N GLY A 132 -25.45 -24.97 1.48
CA GLY A 132 -25.94 -24.04 2.48
C GLY A 132 -26.09 -22.67 1.86
N SER A 133 -26.38 -21.68 2.72
CA SER A 133 -26.63 -20.33 2.27
C SER A 133 -26.04 -19.34 3.27
N ALA A 134 -25.73 -18.15 2.76
CA ALA A 134 -25.29 -17.06 3.63
C ALA A 134 -25.62 -15.74 3.03
N THR A 135 -26.07 -14.81 3.89
CA THR A 135 -26.05 -13.39 3.56
C THR A 135 -24.80 -12.82 4.20
N ASP A 136 -23.90 -12.34 3.33
CA ASP A 136 -22.55 -11.97 3.78
C ASP A 136 -22.28 -10.51 3.43
N VAL A 137 -22.34 -9.63 4.45
CA VAL A 137 -22.27 -8.21 4.27
C VAL A 137 -21.22 -7.68 5.23
N PRO A 138 -20.27 -6.84 4.76
CA PRO A 138 -19.21 -6.47 5.69
C PRO A 138 -19.69 -5.59 6.85
N ALA A 139 -19.06 -5.80 7.99
CA ALA A 139 -19.39 -5.00 9.17
C ALA A 139 -18.88 -3.57 9.03
N TYR A 140 -17.71 -3.41 8.40
CA TYR A 140 -17.11 -2.09 8.22
C TYR A 140 -16.95 -1.76 6.75
N ARG A 141 -17.09 -0.48 6.38
CA ARG A 141 -16.99 -0.08 5.00
C ARG A 141 -15.58 0.23 4.53
N GLU A 142 -14.61 0.40 5.46
CA GLU A 142 -13.22 0.66 5.09
C GLU A 142 -12.35 -0.41 5.72
N ARG A 143 -11.75 -1.23 4.86
CA ARG A 143 -11.06 -2.43 5.28
C ARG A 143 -9.71 -2.39 4.59
N GLY A 144 -8.68 -1.87 5.28
CA GLY A 144 -7.51 -1.33 4.61
C GLY A 144 -6.16 -1.87 4.93
N VAL A 145 -5.31 -1.69 3.94
CA VAL A 145 -3.87 -1.73 4.10
C VAL A 145 -3.35 -0.37 3.66
N GLY A 146 -2.39 0.20 4.38
CA GLY A 146 -1.73 1.43 3.98
C GLY A 146 -0.26 1.20 3.76
N VAL A 147 0.28 1.73 2.67
CA VAL A 147 1.69 1.58 2.35
C VAL A 147 2.28 2.98 2.18
N CYS A 148 3.26 3.30 3.03
CA CYS A 148 4.03 4.54 2.84
C CYS A 148 5.21 4.25 1.90
N ALA A 149 5.01 4.58 0.64
CA ALA A 149 6.03 4.37 -0.39
C ALA A 149 6.78 5.68 -0.58
N CYS A 150 7.45 6.09 0.48
CA CYS A 150 8.09 7.39 0.55
C CYS A 150 9.56 7.27 0.78
N TYR A 151 10.30 8.22 0.17
CA TYR A 151 11.76 8.20 0.10
C TYR A 151 12.23 7.07 -0.80
N ILE A 152 12.12 5.84 -0.30
CA ILE A 152 12.27 4.67 -1.12
C ILE A 152 11.07 4.60 -2.07
N ASN A 153 11.25 3.71 -3.06
CA ASN A 153 10.21 3.34 -4.00
C ASN A 153 9.87 1.88 -3.81
N ILE A 154 8.55 1.57 -3.82
CA ILE A 154 8.07 0.19 -3.73
C ILE A 154 7.49 -0.21 -5.10
N SER A 155 8.02 -1.29 -5.64
CA SER A 155 7.76 -1.64 -7.02
C SER A 155 6.27 -1.78 -7.28
N THR A 156 5.87 -1.45 -8.50
CA THR A 156 4.51 -1.66 -8.95
C THR A 156 4.16 -3.14 -8.96
N GLN A 157 5.09 -4.03 -9.23
CA GLN A 157 4.83 -5.47 -9.16
C GLN A 157 4.44 -5.91 -7.74
N TRP A 158 5.10 -5.35 -6.75
CA TRP A 158 4.78 -5.64 -5.36
C TRP A 158 3.36 -5.15 -5.04
N PHE A 159 3.04 -3.94 -5.50
CA PHE A 159 1.69 -3.43 -5.31
C PHE A 159 0.63 -4.28 -5.99
N GLU A 160 0.91 -4.85 -7.18
CA GLU A 160 -0.08 -5.66 -7.86
C GLU A 160 -0.36 -6.92 -7.07
N ARG A 161 0.71 -7.54 -6.54
CA ARG A 161 0.56 -8.72 -5.71
C ARG A 161 -0.24 -8.39 -4.44
N LEU A 162 0.06 -7.26 -3.82
CA LEU A 162 -0.65 -6.87 -2.60
C LEU A 162 -2.13 -6.70 -2.91
N MET A 163 -2.45 -6.00 -4.02
CA MET A 163 -3.84 -5.72 -4.32
C MET A 163 -4.60 -7.01 -4.63
N LYS A 164 -3.99 -7.98 -5.33
CA LYS A 164 -4.66 -9.26 -5.57
C LYS A 164 -4.94 -9.97 -4.23
N ASP A 165 -3.96 -9.99 -3.34
CA ASP A 165 -4.20 -10.61 -2.04
C ASP A 165 -5.25 -9.85 -1.22
N MET A 166 -5.18 -8.50 -1.23
CA MET A 166 -6.19 -7.70 -0.56
C MET A 166 -7.56 -8.13 -1.07
N ALA A 167 -7.75 -8.12 -2.38
CA ALA A 167 -9.08 -8.43 -2.94
C ALA A 167 -9.51 -9.83 -2.56
N SER A 168 -8.56 -10.76 -2.55
CA SER A 168 -8.89 -12.15 -2.25
C SER A 168 -9.46 -12.28 -0.83
N GLN A 169 -9.13 -11.32 0.05
CA GLN A 169 -9.51 -11.27 1.46
C GLN A 169 -10.57 -10.18 1.69
N LYS A 170 -11.12 -9.62 0.59
CA LYS A 170 -12.19 -8.65 0.58
C LYS A 170 -11.79 -7.32 1.23
N LEU A 171 -10.48 -7.06 1.33
CA LEU A 171 -10.02 -5.72 1.71
C LEU A 171 -10.20 -4.75 0.56
N ASN A 172 -10.59 -3.51 0.87
CA ASN A 172 -11.12 -2.62 -0.14
C ASN A 172 -10.56 -1.20 -0.16
N GLN A 173 -9.51 -0.93 0.60
CA GLN A 173 -8.93 0.39 0.67
C GLN A 173 -7.41 0.32 0.79
N LEU A 174 -6.71 1.04 -0.10
CA LEU A 174 -5.25 1.06 -0.09
C LEU A 174 -4.83 2.50 0.00
N TRP A 175 -4.37 2.87 1.21
CA TRP A 175 -3.76 4.18 1.42
C TRP A 175 -2.33 4.09 0.86
N ILE A 176 -1.97 5.10 0.09
CA ILE A 176 -0.59 5.20 -0.38
C ILE A 176 -0.10 6.64 -0.16
N GLU A 177 0.99 6.74 0.61
CA GLU A 177 1.74 7.99 0.66
C GLU A 177 2.89 7.82 -0.29
N ALA A 178 2.96 8.66 -1.33
CA ALA A 178 3.98 8.56 -2.35
C ALA A 178 4.11 9.89 -3.03
N LYS A 179 5.25 10.05 -3.74
CA LYS A 179 5.50 11.29 -4.47
C LYS A 179 5.36 11.01 -5.97
N VAL A 180 4.41 11.73 -6.56
CA VAL A 180 4.31 11.76 -8.02
C VAL A 180 5.45 12.59 -8.59
N LYS A 181 6.14 12.04 -9.59
CA LYS A 181 7.18 12.80 -10.28
C LYS A 181 6.52 14.02 -10.92
N SER A 182 6.93 15.21 -10.50
CA SER A 182 6.11 16.38 -10.73
C SER A 182 6.56 17.20 -11.95
N ASP A 183 5.58 17.50 -12.80
CA ASP A 183 5.73 18.49 -13.87
C ASP A 183 5.39 19.87 -13.31
N THR A 184 4.48 19.96 -12.30
CA THR A 184 4.10 21.22 -11.65
C THR A 184 5.32 21.81 -10.95
N ASP A 185 6.09 20.95 -10.27
CA ASP A 185 7.22 21.39 -9.45
C ASP A 185 8.40 20.45 -9.69
N PRO A 186 9.12 20.60 -10.82
CA PRO A 186 10.21 19.68 -11.09
C PRO A 186 11.29 19.64 -10.05
N ALA A 187 11.42 20.70 -9.22
CA ALA A 187 12.45 20.74 -8.21
C ALA A 187 12.16 19.77 -7.05
N SER A 188 10.95 19.21 -7.02
CA SER A 188 10.63 18.15 -6.06
C SER A 188 10.93 16.75 -6.59
N ALA A 189 11.31 16.65 -7.87
CA ALA A 189 11.32 15.35 -8.54
C ALA A 189 12.68 14.70 -8.36
N PHE A 190 13.07 14.47 -7.12
CA PHE A 190 14.23 13.67 -6.82
C PHE A 190 13.78 12.33 -6.25
N TRP A 191 14.54 11.29 -6.55
CA TRP A 191 14.20 9.92 -6.18
C TRP A 191 14.07 9.76 -4.68
N GLY A 192 13.14 8.91 -4.19
CA GLY A 192 12.15 8.17 -4.96
C GLY A 192 10.93 8.97 -5.36
N TYR A 193 10.35 8.53 -6.48
CA TYR A 193 9.10 9.02 -6.99
C TYR A 193 8.49 7.93 -7.89
N TYR A 194 7.20 8.15 -8.19
CA TYR A 194 6.47 7.34 -9.16
C TYR A 194 6.22 8.26 -10.36
N THR A 195 6.50 7.73 -11.56
CA THR A 195 6.12 8.50 -12.73
C THR A 195 4.61 8.54 -12.82
N LYS A 196 4.06 9.45 -13.61
CA LYS A 196 2.62 9.49 -13.78
C LYS A 196 2.14 8.22 -14.46
N PRO A 197 2.80 7.65 -15.51
CA PRO A 197 2.34 6.38 -16.05
C PRO A 197 2.28 5.31 -14.96
N GLN A 198 3.26 5.28 -14.06
CA GLN A 198 3.29 4.25 -13.02
C GLN A 198 2.09 4.42 -12.09
N VAL A 199 1.77 5.65 -11.72
CA VAL A 199 0.59 5.88 -10.89
C VAL A 199 -0.66 5.42 -11.61
N ARG A 200 -0.74 5.67 -12.93
CA ARG A 200 -1.92 5.25 -13.65
C ARG A 200 -2.01 3.73 -13.66
N THR A 201 -0.88 3.00 -13.63
CA THR A 201 -0.97 1.55 -13.60
C THR A 201 -1.53 1.14 -12.24
N LEU A 202 -1.17 1.81 -11.16
CA LEU A 202 -1.73 1.48 -9.85
C LEU A 202 -3.25 1.74 -9.84
N VAL A 203 -3.66 2.86 -10.38
CA VAL A 203 -5.07 3.17 -10.49
C VAL A 203 -5.81 2.05 -11.22
N ALA A 204 -5.22 1.53 -12.31
CA ALA A 204 -5.90 0.51 -13.09
C ALA A 204 -6.01 -0.78 -12.29
N MET A 205 -4.96 -1.13 -11.57
CA MET A 205 -4.99 -2.33 -10.76
C MET A 205 -6.10 -2.20 -9.74
N ALA A 206 -6.19 -1.04 -9.08
CA ALA A 206 -7.17 -0.91 -8.01
C ALA A 206 -8.59 -1.00 -8.58
N ARG A 207 -8.83 -0.43 -9.77
CA ARG A 207 -10.11 -0.59 -10.42
C ARG A 207 -10.42 -2.07 -10.67
N LYS A 208 -9.46 -2.83 -11.19
CA LYS A 208 -9.65 -4.25 -11.45
C LYS A 208 -10.08 -4.97 -10.18
N TYR A 209 -9.42 -4.70 -9.07
CA TYR A 209 -9.55 -5.49 -7.87
C TYR A 209 -10.45 -4.83 -6.81
N HIS A 210 -11.28 -3.85 -7.22
CA HIS A 210 -12.31 -3.26 -6.35
C HIS A 210 -11.72 -2.69 -5.05
N ILE A 211 -10.55 -2.08 -5.21
CA ILE A 211 -9.90 -1.36 -4.12
C ILE A 211 -10.00 0.14 -4.40
N GLU A 212 -10.19 0.90 -3.33
CA GLU A 212 -10.17 2.35 -3.36
C GLU A 212 -8.79 2.84 -2.93
N LEU A 213 -8.17 3.57 -3.82
CA LEU A 213 -6.89 4.17 -3.44
C LEU A 213 -7.15 5.45 -2.67
N VAL A 214 -6.32 5.68 -1.63
CA VAL A 214 -6.38 6.90 -0.84
C VAL A 214 -4.98 7.48 -0.82
N PRO A 215 -4.66 8.43 -1.71
CA PRO A 215 -3.31 9.01 -1.76
C PRO A 215 -3.12 10.06 -0.69
N GLU A 216 -1.86 10.20 -0.28
CA GLU A 216 -1.49 11.25 0.66
C GLU A 216 -0.25 11.99 0.20
N ILE A 217 -0.31 13.33 0.37
CA ILE A 217 0.91 14.14 0.47
C ILE A 217 0.89 14.75 1.86
N ASN A 218 1.83 14.33 2.72
CA ASN A 218 1.84 14.82 4.11
C ASN A 218 2.16 16.30 4.12
N SER A 219 1.57 17.01 5.06
CA SER A 219 1.60 18.47 5.13
C SER A 219 1.07 18.85 6.48
N PRO A 220 1.28 20.10 6.96
CA PRO A 220 2.25 21.07 6.43
C PRO A 220 3.69 20.81 6.87
N GLY A 221 3.90 19.80 7.73
CA GLY A 221 5.20 19.24 8.01
C GLY A 221 5.42 17.94 7.25
N HIS A 222 6.57 17.31 7.49
CA HIS A 222 6.95 16.10 6.81
C HIS A 222 7.02 16.29 5.30
N MET A 223 7.43 17.50 4.90
CA MET A 223 7.45 17.87 3.48
C MET A 223 8.87 17.96 2.97
N ASP A 224 9.83 17.31 3.66
CA ASP A 224 11.22 17.36 3.20
C ASP A 224 11.39 16.64 1.85
N THR A 225 10.43 15.82 1.41
CA THR A 225 10.49 15.15 0.13
C THR A 225 9.99 16.07 -0.97
N TYR A 226 9.55 17.29 -0.60
CA TYR A 226 9.09 18.31 -1.52
C TYR A 226 9.90 19.60 -1.42
N LEU A 227 10.37 19.96 -0.23
CA LEU A 227 10.87 21.32 -0.02
C LEU A 227 12.40 21.39 -0.06
N GLU A 228 13.10 20.27 -0.32
CA GLU A 228 14.55 20.26 -0.25
C GLU A 228 15.15 21.39 -1.09
N ASN A 229 14.62 21.62 -2.28
CA ASN A 229 15.15 22.60 -3.21
C ASN A 229 14.26 23.85 -3.25
N HIS A 230 13.51 24.07 -2.16
CA HIS A 230 12.66 25.25 -2.03
C HIS A 230 12.92 25.94 -0.70
N PRO A 231 14.15 26.44 -0.46
CA PRO A 231 14.42 27.10 0.82
C PRO A 231 13.44 28.25 1.09
N GLU A 232 12.92 28.87 0.03
CA GLU A 232 11.98 29.97 0.17
C GLU A 232 10.62 29.56 0.74
N LEU A 233 10.23 28.28 0.66
CA LEU A 233 8.99 27.77 1.21
C LEU A 233 9.19 27.16 2.59
N GLN A 234 10.43 27.01 3.05
CA GLN A 234 10.66 26.44 4.37
C GLN A 234 10.40 27.46 5.47
N LEU A 235 9.73 27.02 6.54
CA LEU A 235 9.50 27.82 7.74
C LEU A 235 10.82 28.29 8.34
N LYS A 236 10.89 29.58 8.71
CA LYS A 236 12.09 30.17 9.34
C LYS A 236 11.79 30.63 10.76
N ASP A 237 12.73 30.41 11.69
CA ASP A 237 12.57 30.81 13.09
C ASP A 237 12.90 32.29 13.25
N ARG A 238 12.69 32.79 14.47
CA ARG A 238 13.04 34.14 14.92
C ARG A 238 14.38 34.61 14.35
N ASP A 239 15.37 33.71 14.22
CA ASP A 239 16.72 34.08 13.77
C ASP A 239 16.98 33.73 12.30
N GLY A 240 15.95 33.31 11.54
CA GLY A 240 16.13 33.09 10.11
C GLY A 240 16.48 31.63 9.76
N VAL A 241 16.59 30.75 10.76
CA VAL A 241 17.01 29.39 10.52
C VAL A 241 15.81 28.58 10.03
N ALA A 242 16.03 27.80 8.98
CA ALA A 242 14.97 27.04 8.34
C ALA A 242 14.69 25.75 9.09
N SER A 243 13.40 25.38 9.14
CA SER A 243 12.94 24.03 9.44
C SER A 243 12.61 23.37 8.12
N PRO A 244 13.53 22.60 7.51
CA PRO A 244 13.33 22.16 6.13
C PRO A 244 12.08 21.33 5.86
N PRO A 245 11.55 20.52 6.78
CA PRO A 245 10.35 19.77 6.44
C PRO A 245 9.04 20.52 6.50
N ARG A 246 9.05 21.82 6.89
CA ARG A 246 7.81 22.51 7.20
C ARG A 246 7.55 23.70 6.28
N LEU A 247 6.33 23.80 5.75
CA LEU A 247 5.80 25.05 5.22
C LEU A 247 5.55 26.00 6.39
N ASP A 248 5.46 27.31 6.08
CA ASP A 248 5.03 28.31 7.04
C ASP A 248 3.56 28.62 6.73
N ILE A 249 2.67 28.05 7.53
CA ILE A 249 1.25 28.18 7.25
C ILE A 249 0.73 29.59 7.54
N SER A 250 1.56 30.48 8.10
CA SER A 250 1.14 31.86 8.20
C SER A 250 1.25 32.62 6.89
N ARG A 251 1.89 32.05 5.89
CA ARG A 251 2.14 32.78 4.65
C ARG A 251 1.27 32.21 3.53
N PRO A 252 0.76 33.07 2.62
CA PRO A 252 -0.17 32.63 1.60
C PRO A 252 0.50 31.62 0.66
N GLU A 253 1.82 31.67 0.56
CA GLU A 253 2.48 30.81 -0.42
C GLU A 253 2.43 29.34 0.00
N ALA A 254 2.26 29.08 1.30
CA ALA A 254 2.22 27.70 1.80
C ALA A 254 1.03 27.00 1.18
N LEU A 255 -0.18 27.54 1.37
CA LEU A 255 -1.38 26.94 0.85
C LEU A 255 -1.28 26.89 -0.66
N ALA A 256 -0.76 27.92 -1.29
CA ALA A 256 -0.76 27.93 -2.74
C ALA A 256 0.09 26.78 -3.28
N TYR A 257 1.29 26.61 -2.69
CA TYR A 257 2.17 25.54 -3.12
C TYR A 257 1.51 24.20 -2.89
N TYR A 258 0.98 24.02 -1.66
CA TYR A 258 0.45 22.72 -1.29
C TYR A 258 -0.73 22.37 -2.22
N THR A 259 -1.71 23.26 -2.42
CA THR A 259 -2.84 22.87 -3.26
C THR A 259 -2.44 22.68 -4.72
N SER A 260 -1.38 23.36 -5.20
CA SER A 260 -0.91 23.10 -6.54
C SER A 260 -0.42 21.65 -6.69
N MET A 261 0.25 21.12 -5.66
CA MET A 261 0.75 19.75 -5.73
C MET A 261 -0.39 18.73 -5.58
N VAL A 262 -1.37 19.06 -4.71
CA VAL A 262 -2.55 18.24 -4.55
C VAL A 262 -3.28 18.10 -5.89
N ASP A 263 -3.49 19.24 -6.54
CA ASP A 263 -4.23 19.27 -7.80
C ASP A 263 -3.53 18.39 -8.84
N GLU A 264 -2.21 18.48 -8.93
CA GLU A 264 -1.48 17.65 -9.87
C GLU A 264 -1.69 16.17 -9.53
N ALA A 265 -1.55 15.82 -8.25
CA ALA A 265 -1.64 14.45 -7.78
C ALA A 265 -3.06 13.90 -8.00
N LEU A 266 -4.11 14.66 -7.72
CA LEU A 266 -5.51 14.22 -7.91
C LEU A 266 -5.77 13.97 -9.39
N LYS A 267 -5.08 14.68 -10.29
CA LYS A 267 -5.33 14.44 -11.71
C LYS A 267 -4.91 13.03 -12.13
N VAL A 268 -3.90 12.46 -11.47
CA VAL A 268 -3.39 11.15 -11.80
C VAL A 268 -4.01 10.03 -10.94
N TRP A 269 -4.11 10.25 -9.61
CA TRP A 269 -4.74 9.28 -8.73
C TRP A 269 -6.24 9.15 -8.96
N ASP A 270 -6.87 10.27 -9.31
CA ASP A 270 -8.29 10.38 -9.60
C ASP A 270 -9.14 9.70 -8.53
N SER A 271 -8.80 9.97 -7.28
CA SER A 271 -9.42 9.36 -6.12
C SER A 271 -10.58 10.19 -5.55
N ARG A 272 -11.52 9.58 -4.86
CA ARG A 272 -12.56 10.34 -4.20
C ARG A 272 -12.05 11.10 -2.99
N TYR A 273 -11.08 10.47 -2.29
CA TYR A 273 -10.51 11.05 -1.09
C TYR A 273 -9.13 11.65 -1.38
N TRP A 274 -8.78 12.66 -0.58
CA TRP A 274 -7.45 13.21 -0.52
C TRP A 274 -7.05 13.15 0.95
N HIS A 275 -5.86 12.63 1.22
CA HIS A 275 -5.33 12.61 2.59
C HIS A 275 -4.20 13.63 2.66
N MET A 276 -4.29 14.64 3.56
CA MET A 276 -3.25 15.66 3.62
C MET A 276 -2.29 15.42 4.79
N GLY A 277 -2.47 14.31 5.52
CA GLY A 277 -1.60 13.98 6.64
C GLY A 277 -1.95 14.80 7.88
N ALA A 278 -1.46 16.03 8.00
CA ALA A 278 -1.76 16.95 9.09
C ALA A 278 -1.45 16.35 10.45
N ASP A 279 -0.29 15.68 10.53
CA ASP A 279 0.24 15.35 11.85
C ASP A 279 0.53 16.65 12.60
N GLU A 280 0.76 16.54 13.92
CA GLU A 280 1.10 17.72 14.71
C GLU A 280 2.17 18.53 14.00
N TYR A 281 1.95 19.84 13.92
CA TYR A 281 2.83 20.69 13.16
C TYR A 281 4.20 20.79 13.82
N MET A 282 4.16 21.00 15.15
CA MET A 282 5.37 21.01 15.99
C MET A 282 4.91 20.90 17.43
N ILE A 283 5.84 20.56 18.31
CA ILE A 283 5.49 20.48 19.72
C ILE A 283 5.28 21.89 20.24
N GLY A 284 4.47 21.99 21.30
CA GLY A 284 4.02 23.28 21.77
C GLY A 284 5.18 24.20 22.16
N SER A 285 6.25 23.61 22.70
CA SER A 285 7.42 24.34 23.13
C SER A 285 8.17 25.00 21.97
N SER A 286 7.86 24.60 20.72
CA SER A 286 8.49 25.19 19.55
C SER A 286 7.75 26.43 19.06
N TYR A 287 6.49 26.65 19.42
CA TYR A 287 5.76 27.78 18.84
C TYR A 287 6.45 29.11 19.14
N PRO A 288 7.08 29.33 20.33
CA PRO A 288 7.73 30.64 20.54
C PRO A 288 8.88 30.95 19.58
N ASP A 289 9.47 29.93 18.93
CA ASP A 289 10.55 30.11 17.97
C ASP A 289 10.01 30.61 16.61
N TYR A 290 8.69 30.55 16.40
CA TYR A 290 8.04 30.94 15.16
C TYR A 290 6.87 31.85 15.50
N PRO A 291 7.15 33.06 16.01
CA PRO A 291 6.11 33.93 16.54
C PRO A 291 5.15 34.47 15.49
N GLN A 292 5.51 34.27 14.21
CA GLN A 292 4.60 34.56 13.14
C GLN A 292 3.35 33.70 13.23
N LEU A 293 3.46 32.50 13.84
CA LEU A 293 2.30 31.62 13.88
C LEU A 293 1.25 32.19 14.85
N GLN A 294 1.69 32.50 16.09
CA GLN A 294 0.76 33.13 17.03
C GLN A 294 0.26 34.47 16.49
N ALA A 295 1.14 35.24 15.83
CA ALA A 295 0.70 36.54 15.33
C ALA A 295 -0.41 36.36 14.31
N ALA A 296 -0.23 35.41 13.38
CA ALA A 296 -1.24 35.20 12.36
C ALA A 296 -2.53 34.64 12.95
N ALA A 297 -2.41 33.80 13.99
CA ALA A 297 -3.57 33.27 14.65
C ALA A 297 -4.41 34.40 15.25
N ARG A 298 -3.75 35.32 15.95
CA ARG A 298 -4.43 36.46 16.57
C ARG A 298 -4.99 37.38 15.49
N ALA A 299 -4.18 37.64 14.46
CA ALA A 299 -4.60 38.53 13.39
C ALA A 299 -5.92 38.05 12.80
N LYS A 300 -6.04 36.75 12.50
CA LYS A 300 -7.20 36.21 11.80
C LYS A 300 -8.32 35.81 12.75
N PHE A 301 -7.99 35.32 13.96
CA PHE A 301 -8.99 34.65 14.79
C PHE A 301 -9.20 35.26 16.16
N GLY A 302 -8.57 36.40 16.40
CA GLY A 302 -8.96 37.18 17.56
C GLY A 302 -7.95 36.98 18.68
N ALA A 303 -8.12 37.80 19.72
CA ALA A 303 -7.17 37.83 20.81
C ALA A 303 -7.01 36.47 21.46
N SER A 304 -8.04 35.60 21.47
CA SER A 304 -7.91 34.36 22.24
C SER A 304 -7.29 33.22 21.40
N ALA A 305 -6.98 33.47 20.12
CA ALA A 305 -6.62 32.36 19.25
C ALA A 305 -5.19 31.92 19.53
N THR A 306 -4.90 30.64 19.22
CA THR A 306 -3.61 29.99 19.44
C THR A 306 -3.11 29.45 18.11
N PRO A 307 -1.83 29.05 18.04
CA PRO A 307 -1.31 28.51 16.79
C PRO A 307 -2.11 27.28 16.32
N ASP A 308 -2.70 26.53 17.25
CA ASP A 308 -3.51 25.36 16.87
C ASP A 308 -4.74 25.75 16.05
N ASP A 309 -5.28 26.97 16.30
CA ASP A 309 -6.37 27.47 15.51
C ASP A 309 -5.88 27.70 14.08
N LEU A 310 -4.65 28.23 13.92
CA LEU A 310 -4.08 28.50 12.60
C LEU A 310 -3.87 27.19 11.84
N PHE A 311 -3.35 26.17 12.54
CA PHE A 311 -3.15 24.86 11.98
C PHE A 311 -4.48 24.25 11.52
N THR A 312 -5.52 24.34 12.35
CA THR A 312 -6.78 23.72 12.00
C THR A 312 -7.41 24.49 10.82
N ASP A 313 -7.22 25.81 10.78
CA ASP A 313 -7.69 26.61 9.65
C ASP A 313 -7.01 26.21 8.33
N PHE A 314 -5.72 25.91 8.42
CA PHE A 314 -5.01 25.42 7.25
C PHE A 314 -5.67 24.15 6.71
N ILE A 315 -5.98 23.22 7.61
CA ILE A 315 -6.67 22.01 7.22
C ILE A 315 -8.02 22.34 6.59
N ASN A 316 -8.76 23.23 7.23
CA ASN A 316 -10.10 23.53 6.73
C ASN A 316 -10.02 24.23 5.36
N GLN A 317 -8.97 24.98 5.06
CA GLN A 317 -8.81 25.59 3.75
C GLN A 317 -8.46 24.53 2.71
N VAL A 318 -7.65 23.53 3.07
CA VAL A 318 -7.41 22.46 2.13
C VAL A 318 -8.72 21.73 1.87
N ASN A 319 -9.53 21.51 2.94
CA ASN A 319 -10.85 20.90 2.80
C ASN A 319 -11.67 21.63 1.75
N ALA A 320 -11.80 22.95 1.89
CA ALA A 320 -12.58 23.73 0.93
C ALA A 320 -12.05 23.55 -0.49
N HIS A 321 -10.73 23.53 -0.61
CA HIS A 321 -10.07 23.42 -1.90
C HIS A 321 -10.46 22.08 -2.56
N VAL A 322 -10.30 20.97 -1.86
CA VAL A 322 -10.51 19.71 -2.53
C VAL A 322 -11.99 19.44 -2.70
N LYS A 323 -12.86 19.96 -1.80
CA LYS A 323 -14.30 19.78 -1.96
C LYS A 323 -14.77 20.51 -3.21
N ALA A 324 -14.09 21.58 -3.58
CA ALA A 324 -14.54 22.31 -4.75
C ALA A 324 -14.38 21.42 -5.98
N ASP A 325 -13.48 20.43 -5.91
CA ASP A 325 -13.23 19.50 -7.02
C ASP A 325 -13.91 18.15 -6.76
N GLY A 326 -14.92 18.11 -5.90
CA GLY A 326 -15.72 16.93 -5.65
C GLY A 326 -15.02 15.85 -4.80
N ARG A 327 -13.94 16.22 -4.10
CA ARG A 327 -13.25 15.24 -3.27
C ARG A 327 -13.56 15.47 -1.79
N SER A 328 -13.24 14.46 -0.97
CA SER A 328 -13.36 14.53 0.48
C SER A 328 -11.97 14.40 1.13
N LEU A 329 -11.79 15.15 2.25
CA LEU A 329 -10.49 15.23 2.93
C LEU A 329 -10.41 14.24 4.08
N ARG A 330 -9.19 13.73 4.29
CA ARG A 330 -8.83 12.89 5.41
C ARG A 330 -7.52 13.42 6.01
N ILE A 331 -7.41 13.20 7.33
CA ILE A 331 -6.21 13.57 8.08
C ILE A 331 -5.92 12.49 9.10
N TRP A 332 -4.67 12.50 9.62
CA TRP A 332 -4.34 11.82 10.87
C TRP A 332 -4.89 12.60 12.06
N ASN A 333 -4.86 11.98 13.25
CA ASN A 333 -5.52 12.56 14.40
C ASN A 333 -4.62 13.34 15.32
N ASP A 334 -3.29 13.19 15.23
CA ASP A 334 -2.40 13.55 16.34
C ASP A 334 -2.19 15.05 16.52
N GLY A 335 -2.59 15.85 15.54
CA GLY A 335 -2.61 17.29 15.70
C GLY A 335 -3.92 17.83 16.29
N LEU A 336 -4.86 16.95 16.66
CA LEU A 336 -6.11 17.35 17.29
C LEU A 336 -6.00 17.04 18.77
N ALA A 337 -5.67 18.07 19.55
CA ALA A 337 -5.32 17.88 20.95
C ALA A 337 -6.05 18.89 21.83
N GLY A 338 -7.19 19.38 21.38
CA GLY A 338 -8.05 20.17 22.27
C GLY A 338 -7.54 21.59 22.46
N LYS A 339 -6.61 22.05 21.63
CA LYS A 339 -6.04 23.38 21.79
C LYS A 339 -6.56 24.38 20.77
N ASN A 340 -7.42 23.94 19.84
CA ASN A 340 -8.03 24.79 18.82
C ASN A 340 -9.42 25.20 19.31
N ALA A 341 -9.44 26.16 20.24
CA ALA A 341 -10.67 26.57 20.88
C ALA A 341 -11.47 27.53 20.00
N VAL A 342 -10.85 28.15 19.01
CA VAL A 342 -11.52 29.12 18.16
C VAL A 342 -11.95 28.48 16.85
N VAL A 343 -11.01 27.74 16.22
CA VAL A 343 -11.27 27.18 14.90
C VAL A 343 -11.48 25.68 15.04
N PRO A 344 -12.72 25.15 15.01
CA PRO A 344 -12.94 23.71 15.01
C PRO A 344 -12.62 23.13 13.63
N LEU A 345 -12.26 21.84 13.67
CA LEU A 345 -12.09 21.08 12.45
C LEU A 345 -13.44 20.87 11.75
N ASP A 346 -13.52 21.18 10.45
CA ASP A 346 -14.72 20.91 9.69
C ASP A 346 -15.17 19.46 9.87
N ARG A 347 -16.49 19.23 10.08
CA ARG A 347 -16.94 17.93 10.51
C ARG A 347 -17.13 16.94 9.37
N ASP A 348 -16.82 17.35 8.12
CA ASP A 348 -16.86 16.39 7.01
C ASP A 348 -15.45 15.92 6.65
N ILE A 349 -14.51 16.12 7.59
CA ILE A 349 -13.15 15.63 7.42
C ILE A 349 -12.99 14.34 8.17
N THR A 350 -12.57 13.30 7.47
CA THR A 350 -12.35 12.00 8.04
C THR A 350 -11.05 11.98 8.84
N VAL A 351 -11.12 11.53 10.08
CA VAL A 351 -9.94 11.46 10.96
C VAL A 351 -9.53 10.03 11.12
N GLU A 352 -8.25 9.76 10.78
CA GLU A 352 -7.64 8.44 10.93
C GLU A 352 -6.86 8.43 12.24
N HIS A 353 -7.31 7.66 13.22
CA HIS A 353 -6.73 7.71 14.56
C HIS A 353 -5.64 6.64 14.71
N TRP A 354 -4.41 7.08 15.03
CA TRP A 354 -3.28 6.19 15.23
C TRP A 354 -2.59 6.37 16.58
N LEU A 355 -2.69 7.54 17.21
CA LEU A 355 -1.92 7.83 18.42
C LEU A 355 -2.83 8.38 19.50
N SER A 356 -2.60 7.96 20.75
CA SER A 356 -3.23 8.50 21.94
C SER A 356 -2.16 9.10 22.84
N GLY A 357 -2.64 9.83 23.86
CA GLY A 357 -1.79 10.35 24.91
C GLY A 357 -2.02 11.84 25.12
N GLY A 358 -1.71 12.31 26.34
CA GLY A 358 -1.80 13.72 26.64
C GLY A 358 -3.23 14.21 26.47
N SER A 359 -3.35 15.32 25.75
CA SER A 359 -4.65 15.89 25.43
C SER A 359 -5.10 15.54 24.02
N ILE A 360 -4.45 14.54 23.37
CA ILE A 360 -4.94 14.13 22.05
C ILE A 360 -6.41 13.71 22.14
N GLN A 361 -7.25 14.26 21.27
CA GLN A 361 -8.67 14.04 21.34
C GLN A 361 -8.97 12.57 21.22
N GLN A 362 -9.89 12.07 22.06
CA GLN A 362 -10.16 10.65 22.07
C GLN A 362 -11.09 10.28 20.93
N PRO A 363 -10.99 9.00 20.44
CA PRO A 363 -11.94 8.52 19.45
C PRO A 363 -13.43 8.77 19.77
N SER A 364 -13.82 8.63 21.04
CA SER A 364 -15.22 8.89 21.41
C SER A 364 -15.61 10.33 21.11
N SER A 365 -14.69 11.25 21.40
CA SER A 365 -14.93 12.66 21.19
C SER A 365 -15.00 13.02 19.72
N LEU A 366 -14.10 12.41 18.91
CA LEU A 366 -14.16 12.59 17.47
C LEU A 366 -15.49 12.07 16.90
N LEU A 367 -15.87 10.86 17.31
CA LEU A 367 -17.09 10.26 16.79
C LEU A 367 -18.28 11.09 17.22
N ALA A 368 -18.22 11.73 18.39
CA ALA A 368 -19.35 12.55 18.82
C ALA A 368 -19.46 13.86 18.02
N GLU A 369 -18.45 14.22 17.23
CA GLU A 369 -18.56 15.36 16.33
C GLU A 369 -19.34 15.00 15.05
N GLY A 370 -19.68 13.72 14.89
CA GLY A 370 -20.44 13.24 13.75
C GLY A 370 -19.62 12.96 12.49
N ARG A 371 -18.29 13.12 12.60
CA ARG A 371 -17.38 12.97 11.48
C ARG A 371 -17.01 11.51 11.30
N PRO A 372 -16.52 11.10 10.12
CA PRO A 372 -16.00 9.76 9.97
C PRO A 372 -14.66 9.63 10.72
N VAL A 373 -14.50 8.51 11.38
CA VAL A 373 -13.30 8.17 12.14
C VAL A 373 -12.86 6.76 11.75
N MET A 374 -11.60 6.62 11.31
CA MET A 374 -11.05 5.32 10.99
C MET A 374 -10.07 4.93 12.10
N ASN A 375 -10.01 3.65 12.41
CA ASN A 375 -9.00 3.14 13.33
C ASN A 375 -7.76 2.71 12.55
N SER A 376 -6.68 3.49 12.69
CA SER A 376 -5.36 3.22 12.12
C SER A 376 -4.31 3.04 13.22
N ALA A 377 -4.69 2.30 14.28
CA ALA A 377 -3.81 2.16 15.45
C ALA A 377 -2.35 1.89 15.10
N TYR A 378 -1.50 2.55 15.91
CA TYR A 378 -0.08 2.22 15.97
C TYR A 378 0.12 0.73 16.14
N SER A 379 -0.79 0.09 16.90
CA SER A 379 -0.62 -1.31 17.24
C SER A 379 -0.82 -2.21 16.02
N LEU A 380 -1.29 -1.64 14.88
CA LEU A 380 -1.42 -2.33 13.62
C LEU A 380 -0.38 -1.88 12.59
N TYR A 381 0.79 -1.44 13.08
CA TYR A 381 1.89 -1.05 12.21
C TYR A 381 2.87 -2.19 11.92
N LEU A 382 3.49 -2.06 10.75
CA LEU A 382 4.73 -2.71 10.35
C LEU A 382 5.71 -1.61 9.93
N VAL A 383 6.91 -1.64 10.54
CA VAL A 383 7.91 -0.63 10.29
C VAL A 383 9.26 -1.24 9.95
N ARG A 384 9.82 -0.87 8.82
CA ARG A 384 11.14 -1.36 8.47
C ARG A 384 12.15 -0.94 9.55
N GLY A 385 12.79 -1.97 10.07
CA GLY A 385 13.77 -1.78 11.13
C GLY A 385 13.16 -1.48 12.49
N GLY A 386 11.83 -1.58 12.61
CA GLY A 386 11.22 -1.27 13.87
C GLY A 386 10.01 -2.16 14.22
N PHE A 387 9.02 -1.48 14.79
CA PHE A 387 7.83 -2.12 15.36
C PHE A 387 7.15 -3.06 14.37
N THR A 388 6.81 -4.24 14.86
CA THR A 388 5.97 -5.21 14.17
C THR A 388 4.73 -5.50 15.01
N MET A 389 3.55 -5.32 14.43
CA MET A 389 2.34 -5.55 15.19
C MET A 389 2.32 -7.00 15.71
N GLN A 390 1.69 -7.17 16.85
CA GLN A 390 1.61 -8.44 17.55
C GLN A 390 0.35 -9.18 17.12
N THR A 391 0.40 -9.72 15.88
CA THR A 391 -0.82 -10.25 15.25
C THR A 391 -1.49 -11.29 16.17
N GLN A 392 -0.67 -12.15 16.73
CA GLN A 392 -1.19 -13.25 17.55
C GLN A 392 -1.90 -12.71 18.79
N LYS A 393 -1.29 -11.80 19.53
CA LYS A 393 -1.93 -11.22 20.71
C LYS A 393 -3.18 -10.42 20.35
N LEU A 394 -3.16 -9.72 19.21
CA LEU A 394 -4.34 -8.98 18.77
C LEU A 394 -5.51 -9.95 18.49
N TYR A 395 -5.21 -11.03 17.77
CA TYR A 395 -6.20 -12.06 17.44
C TYR A 395 -6.78 -12.65 18.72
N GLU A 396 -5.90 -12.97 19.66
CA GLU A 396 -6.31 -13.57 20.93
C GLU A 396 -7.18 -12.64 21.78
N SER A 397 -6.99 -11.35 21.65
CA SER A 397 -7.68 -10.32 22.37
C SER A 397 -8.98 -9.95 21.68
N ASP A 398 -9.31 -10.66 20.58
CA ASP A 398 -10.50 -10.37 19.81
C ASP A 398 -10.57 -8.88 19.47
N TRP A 399 -9.45 -8.39 18.88
CA TRP A 399 -9.38 -7.04 18.38
C TRP A 399 -10.50 -6.77 17.36
N THR A 400 -11.08 -5.59 17.46
CA THR A 400 -11.99 -5.05 16.48
C THR A 400 -11.67 -3.59 16.27
N PRO A 401 -12.27 -2.89 15.31
CA PRO A 401 -12.04 -1.45 15.17
C PRO A 401 -12.48 -0.58 16.34
N LEU A 402 -13.27 -1.16 17.28
CA LEU A 402 -13.62 -0.44 18.49
C LEU A 402 -12.42 -0.24 19.41
N ARG A 403 -11.32 -1.00 19.20
CA ARG A 403 -10.13 -1.03 20.04
C ARG A 403 -9.12 -0.03 19.49
N PHE A 404 -9.32 1.27 19.80
CA PHE A 404 -8.35 2.31 19.42
C PHE A 404 -7.19 2.39 20.40
N GLU A 405 -6.06 2.96 19.95
CA GLU A 405 -5.02 3.38 20.89
C GLU A 405 -5.64 4.24 21.98
N GLY A 406 -5.43 3.81 23.25
CA GLY A 406 -5.83 4.54 24.43
C GLY A 406 -7.31 4.47 24.82
N GLN A 407 -8.17 3.78 24.06
CA GLN A 407 -9.61 3.85 24.30
C GLN A 407 -10.31 2.70 23.58
N THR A 408 -11.04 1.85 24.32
CA THR A 408 -11.95 0.87 23.77
C THR A 408 -13.38 1.38 23.87
N LEU A 409 -14.03 1.54 22.74
CA LEU A 409 -15.45 1.76 22.69
C LEU A 409 -16.13 0.43 23.03
N THR A 410 -17.24 0.51 23.76
CA THR A 410 -18.04 -0.67 24.07
C THR A 410 -19.32 -0.67 23.21
N GLN A 411 -19.62 0.46 22.55
CA GLN A 411 -20.78 0.58 21.68
C GLN A 411 -20.27 0.94 20.28
N GLY A 412 -20.81 0.28 19.26
CA GLY A 412 -20.47 0.64 17.89
C GLY A 412 -21.00 2.01 17.50
N ALA A 413 -20.50 2.54 16.38
CA ALA A 413 -20.97 3.79 15.84
C ALA A 413 -20.84 3.69 14.32
N ALA A 414 -21.87 4.17 13.62
CA ALA A 414 -21.93 4.05 12.18
C ALA A 414 -20.83 4.88 11.52
N ASN A 415 -20.35 5.95 12.18
CA ASN A 415 -19.31 6.81 11.61
C ASN A 415 -17.91 6.26 11.94
N LEU A 416 -17.79 5.12 12.57
CA LEU A 416 -16.53 4.40 12.65
C LEU A 416 -16.39 3.65 11.34
N THR A 417 -15.48 4.13 10.49
CA THR A 417 -15.49 3.63 9.11
C THR A 417 -14.88 2.24 8.97
N GLY A 418 -14.02 1.81 9.90
CA GLY A 418 -13.25 0.60 9.80
C GLY A 418 -11.81 0.81 10.28
N ALA A 419 -10.89 0.07 9.68
CA ALA A 419 -9.54 0.00 10.20
C ALA A 419 -8.58 -0.41 9.09
N LYS A 420 -7.29 -0.13 9.32
CA LYS A 420 -6.21 -0.54 8.40
C LYS A 420 -4.93 -0.82 9.18
N ILE A 421 -4.13 -1.76 8.67
CA ILE A 421 -2.72 -1.91 9.02
C ILE A 421 -1.96 -0.92 8.15
N SER A 422 -0.79 -0.50 8.64
CA SER A 422 0.05 0.51 7.99
C SER A 422 1.50 0.06 7.94
N LEU A 423 2.09 0.18 6.76
CA LEU A 423 3.44 -0.30 6.46
C LEU A 423 4.34 0.89 6.19
N TRP A 424 5.32 1.11 7.05
CA TRP A 424 6.17 2.28 7.09
C TRP A 424 7.62 1.90 6.81
N PRO A 425 8.41 2.75 6.12
CA PRO A 425 9.80 2.43 5.77
C PRO A 425 10.87 3.10 6.60
N ASP A 426 10.55 3.43 7.86
CA ASP A 426 11.43 4.30 8.64
C ASP A 426 12.93 4.01 8.51
N SER A 427 13.38 2.78 8.79
CA SER A 427 14.76 2.46 8.49
C SER A 427 14.75 1.71 7.16
N ALA A 428 14.90 2.46 6.07
CA ALA A 428 14.47 1.95 4.79
C ALA A 428 15.42 0.89 4.25
N ALA A 429 16.69 0.91 4.70
CA ALA A 429 17.64 -0.11 4.27
C ALA A 429 17.68 -1.32 5.20
N ALA A 430 16.84 -1.40 6.22
CA ALA A 430 16.87 -2.43 7.22
C ALA A 430 16.06 -3.64 6.82
N GLU A 431 15.22 -3.51 5.77
CA GLU A 431 14.33 -4.61 5.39
C GLU A 431 13.97 -4.40 3.94
N THR A 432 13.96 -5.48 3.14
CA THR A 432 13.55 -5.36 1.77
C THR A 432 12.04 -5.42 1.59
N GLU A 433 11.56 -4.92 0.43
CA GLU A 433 10.11 -4.98 0.18
C GLU A 433 9.67 -6.44 0.15
N ASN A 434 10.52 -7.38 -0.28
CA ASN A 434 10.09 -8.78 -0.29
C ASN A 434 9.97 -9.33 1.13
N GLU A 435 10.87 -8.89 2.01
CA GLU A 435 10.77 -9.26 3.41
C GLU A 435 9.44 -8.73 3.98
N VAL A 436 9.11 -7.47 3.68
CA VAL A 436 7.87 -6.91 4.19
C VAL A 436 6.65 -7.67 3.65
N GLU A 437 6.70 -8.09 2.37
CA GLU A 437 5.66 -8.93 1.74
C GLU A 437 5.45 -10.22 2.52
N THR A 438 6.55 -10.86 2.96
CA THR A 438 6.43 -12.04 3.81
C THR A 438 5.78 -11.69 5.14
N LYS A 439 6.27 -10.62 5.78
CA LYS A 439 5.85 -10.25 7.12
C LYS A 439 4.37 -9.90 7.17
N VAL A 440 3.86 -9.29 6.10
CA VAL A 440 2.49 -8.81 6.14
C VAL A 440 1.46 -9.92 5.92
N PHE A 441 1.88 -11.14 5.55
CA PHE A 441 0.93 -12.21 5.23
C PHE A 441 -0.15 -12.33 6.29
N MET A 442 0.22 -12.55 7.56
CA MET A 442 -0.79 -12.80 8.58
C MET A 442 -1.45 -11.50 9.01
N PRO A 443 -0.75 -10.36 9.22
CA PRO A 443 -1.44 -9.08 9.42
C PRO A 443 -2.61 -8.83 8.47
N LEU A 444 -2.40 -9.14 7.19
CA LEU A 444 -3.41 -8.87 6.18
C LEU A 444 -4.67 -9.70 6.48
N ARG A 445 -4.50 -11.00 6.71
CA ARG A 445 -5.67 -11.83 7.04
C ARG A 445 -6.30 -11.38 8.35
N PHE A 446 -5.48 -10.99 9.32
CA PHE A 446 -6.01 -10.51 10.57
C PHE A 446 -6.93 -9.31 10.37
N VAL A 447 -6.51 -8.29 9.61
CA VAL A 447 -7.29 -7.09 9.52
C VAL A 447 -8.51 -7.33 8.61
N ALA A 448 -8.35 -8.19 7.60
CA ALA A 448 -9.47 -8.58 6.75
C ALA A 448 -10.58 -9.19 7.58
N GLN A 449 -10.19 -10.09 8.47
CA GLN A 449 -11.16 -10.80 9.33
C GLN A 449 -11.85 -9.86 10.31
N ALA A 450 -11.06 -8.99 10.96
CA ALA A 450 -11.59 -8.11 11.98
C ALA A 450 -12.54 -7.07 11.38
N THR A 451 -12.32 -6.66 10.13
CA THR A 451 -13.13 -5.60 9.55
C THR A 451 -14.34 -6.15 8.78
N TRP A 452 -14.20 -7.37 8.21
CA TRP A 452 -15.36 -7.97 7.54
C TRP A 452 -16.40 -8.35 8.60
N GLY A 453 -15.90 -8.86 9.70
CA GLY A 453 -16.67 -8.91 10.95
C GLY A 453 -17.45 -10.19 11.17
N GLY A 454 -17.15 -11.28 10.47
CA GLY A 454 -17.82 -12.53 10.76
C GLY A 454 -17.25 -13.22 11.98
N PRO A 455 -17.82 -14.40 12.33
CA PRO A 455 -17.40 -15.11 13.52
C PRO A 455 -15.92 -15.47 13.47
N LYS A 456 -15.31 -15.49 14.63
CA LYS A 456 -13.92 -15.82 14.72
C LYS A 456 -13.67 -17.20 14.13
N PRO A 457 -12.69 -17.37 13.22
CA PRO A 457 -12.52 -18.63 12.50
C PRO A 457 -12.00 -19.78 13.34
N SER A 458 -11.23 -19.49 14.37
CA SER A 458 -10.61 -20.52 15.18
C SER A 458 -10.40 -20.00 16.59
N PRO A 459 -10.62 -20.79 17.66
CA PRO A 459 -10.34 -20.29 19.00
C PRO A 459 -8.85 -20.04 19.22
N THR A 460 -7.98 -20.69 18.41
CA THR A 460 -6.56 -20.47 18.51
C THR A 460 -5.97 -19.75 17.32
N TYR A 461 -4.88 -18.98 17.60
CA TYR A 461 -4.13 -18.31 16.56
C TYR A 461 -3.52 -19.36 15.66
N ALA A 462 -3.01 -20.45 16.24
CA ALA A 462 -2.46 -21.55 15.46
C ALA A 462 -3.45 -22.05 14.39
N GLY A 463 -4.74 -22.15 14.75
CA GLY A 463 -5.75 -22.57 13.80
C GLY A 463 -6.02 -21.56 12.70
N PHE A 464 -6.04 -20.31 13.08
CA PHE A 464 -6.17 -19.21 12.13
C PHE A 464 -4.97 -19.16 11.17
N GLU A 465 -3.75 -19.24 11.68
CA GLU A 465 -2.59 -19.19 10.81
C GLU A 465 -2.60 -20.37 9.84
N ALA A 466 -2.95 -21.56 10.34
CA ALA A 466 -2.92 -22.74 9.51
C ALA A 466 -3.88 -22.57 8.34
N LEU A 467 -5.08 -22.08 8.64
CA LEU A 467 -6.10 -21.91 7.65
C LEU A 467 -5.61 -20.88 6.65
N ALA A 468 -5.09 -19.76 7.16
CA ALA A 468 -4.69 -18.69 6.24
C ALA A 468 -3.59 -19.15 5.30
N ARG A 469 -2.64 -19.92 5.81
CA ARG A 469 -1.58 -20.42 4.95
C ARG A 469 -2.07 -21.51 4.02
N LYS A 470 -3.03 -22.32 4.44
CA LYS A 470 -3.62 -23.28 3.51
C LYS A 470 -4.33 -22.59 2.35
N ILE A 471 -5.14 -21.56 2.63
CA ILE A 471 -5.83 -20.80 1.60
C ILE A 471 -4.82 -20.12 0.69
N GLY A 472 -3.78 -19.57 1.30
CA GLY A 472 -2.66 -19.03 0.52
C GLY A 472 -3.00 -17.71 -0.16
N HIS A 473 -2.16 -17.42 -1.17
CA HIS A 473 -2.32 -16.20 -1.93
C HIS A 473 -3.48 -16.31 -2.88
N ALA A 474 -3.93 -15.16 -3.38
CA ALA A 474 -4.91 -15.06 -4.45
C ALA A 474 -4.39 -15.84 -5.67
N PRO A 475 -5.30 -16.35 -6.51
CA PRO A 475 -4.91 -17.00 -7.75
C PRO A 475 -4.14 -16.03 -8.64
N GLY A 476 -3.03 -16.53 -9.17
CA GLY A 476 -2.22 -15.72 -10.08
C GLY A 476 -1.45 -14.59 -9.39
N TRP A 477 -1.21 -14.73 -8.11
CA TRP A 477 -0.48 -13.72 -7.35
C TRP A 477 0.91 -13.51 -7.92
N GLU A 478 1.65 -14.58 -8.20
CA GLU A 478 3.01 -14.45 -8.69
C GLU A 478 3.00 -13.69 -10.02
N ASN A 479 3.86 -12.65 -10.12
CA ASN A 479 3.95 -11.90 -11.36
C ASN A 479 5.39 -11.65 -11.80
N THR A 480 6.32 -12.33 -11.13
CA THR A 480 7.72 -12.26 -11.49
C THR A 480 8.36 -13.63 -11.32
N ASP A 481 9.52 -13.78 -11.97
CA ASP A 481 10.40 -14.89 -11.75
C ASP A 481 11.55 -14.40 -10.89
N ARG A 482 11.57 -14.85 -9.65
CA ARG A 482 12.55 -14.34 -8.71
C ARG A 482 13.89 -15.04 -8.82
N THR A 483 13.92 -16.16 -9.54
CA THR A 483 15.16 -16.93 -9.65
C THR A 483 15.43 -17.30 -11.11
N PRO A 484 15.59 -16.32 -12.01
CA PRO A 484 15.74 -16.60 -13.44
C PRO A 484 17.12 -17.07 -13.89
N LEU A 485 18.08 -17.01 -12.95
CA LEU A 485 19.44 -17.46 -13.19
C LEU A 485 19.80 -18.57 -12.20
N ALA A 486 20.39 -19.66 -12.71
CA ALA A 486 20.95 -20.66 -11.83
C ALA A 486 22.12 -20.07 -11.08
N ASP A 487 22.20 -20.36 -9.81
CA ASP A 487 23.32 -19.91 -9.00
C ASP A 487 24.60 -20.39 -9.65
N GLY A 488 25.56 -19.49 -9.77
CA GLY A 488 26.81 -19.86 -10.41
C GLY A 488 27.60 -18.63 -10.76
N THR A 489 28.70 -18.84 -11.51
CA THR A 489 29.65 -17.81 -11.85
C THR A 489 29.47 -17.41 -13.31
N TYR A 490 29.36 -16.10 -13.51
CA TYR A 490 29.01 -15.53 -14.80
C TYR A 490 29.83 -14.29 -15.07
N ARG A 491 30.10 -14.08 -16.35
CA ARG A 491 30.56 -12.79 -16.82
C ARG A 491 29.31 -12.03 -17.20
N LEU A 492 29.29 -10.73 -16.89
CA LEU A 492 28.12 -9.92 -17.13
C LEU A 492 28.54 -8.84 -18.11
N THR A 493 28.02 -8.91 -19.33
CA THR A 493 28.65 -8.19 -20.42
C THR A 493 27.61 -7.31 -21.10
N THR A 494 28.11 -6.22 -21.65
CA THR A 494 27.41 -5.31 -22.54
C THR A 494 28.38 -5.07 -23.68
N GLY A 495 27.99 -5.47 -24.90
CA GLY A 495 28.94 -5.56 -26.01
C GLY A 495 30.18 -6.35 -25.58
N ALA A 496 31.40 -5.78 -25.79
CA ALA A 496 32.60 -6.46 -25.34
C ALA A 496 33.08 -5.99 -23.98
N LYS A 497 32.27 -5.18 -23.25
CA LYS A 497 32.63 -4.75 -21.91
C LYS A 497 32.05 -5.75 -20.91
N ALA A 498 32.80 -6.05 -19.85
CA ALA A 498 32.34 -6.89 -18.76
C ALA A 498 32.41 -6.10 -17.46
N LEU A 499 31.40 -6.28 -16.62
CA LEU A 499 31.42 -5.73 -15.26
C LEU A 499 32.66 -6.23 -14.55
N ALA A 500 33.47 -5.32 -13.97
CA ALA A 500 34.67 -5.72 -13.24
C ALA A 500 35.06 -4.74 -12.14
N PRO A 501 35.76 -5.24 -11.11
CA PRO A 501 36.37 -4.36 -10.10
C PRO A 501 37.40 -3.42 -10.73
N THR A 502 37.25 -2.11 -10.46
CA THR A 502 38.15 -1.04 -10.91
C THR A 502 38.61 -0.24 -9.69
N ALA A 503 39.36 0.85 -9.96
CA ALA A 503 40.10 1.59 -8.93
C ALA A 503 39.18 2.01 -7.78
N ASP A 504 39.64 1.74 -6.55
CA ASP A 504 39.19 2.40 -5.32
C ASP A 504 37.85 1.81 -4.91
N ALA A 505 37.81 0.47 -4.88
CA ALA A 505 36.64 -0.33 -4.54
C ALA A 505 35.52 -0.11 -5.55
N GLY A 506 35.84 0.45 -6.72
CA GLY A 506 34.88 0.78 -7.75
C GLY A 506 34.51 -0.45 -8.58
N VAL A 507 33.56 -0.25 -9.50
CA VAL A 507 33.10 -1.26 -10.43
C VAL A 507 32.74 -0.53 -11.69
N SER A 508 33.22 -1.09 -12.82
CA SER A 508 33.06 -0.49 -14.11
C SER A 508 32.75 -1.58 -15.12
N LEU A 509 32.35 -1.12 -16.30
CA LEU A 509 32.24 -1.96 -17.48
C LEU A 509 33.55 -1.84 -18.27
N VAL A 510 34.32 -2.94 -18.32
CA VAL A 510 35.71 -2.90 -18.73
C VAL A 510 35.91 -3.76 -19.98
N LYS A 511 36.43 -3.12 -21.05
CA LYS A 511 36.58 -3.79 -22.35
C LYS A 511 37.48 -5.01 -22.20
N ASN A 512 36.95 -6.16 -22.64
CA ASN A 512 37.63 -7.44 -22.70
C ASN A 512 38.04 -7.94 -21.31
N SER A 513 37.40 -7.46 -20.24
CA SER A 513 37.74 -7.97 -18.93
C SER A 513 37.37 -9.44 -18.85
N ALA A 514 38.15 -10.22 -18.10
CA ALA A 514 37.83 -11.61 -17.84
C ALA A 514 37.08 -11.74 -16.51
N ALA A 515 36.83 -10.61 -15.83
CA ALA A 515 36.21 -10.62 -14.51
C ALA A 515 34.86 -11.34 -14.55
N SER A 516 34.59 -12.05 -13.45
CA SER A 516 33.36 -12.82 -13.29
C SER A 516 32.79 -12.59 -11.89
N TRP A 517 31.53 -13.03 -11.71
CA TRP A 517 30.78 -12.81 -10.48
C TRP A 517 30.07 -14.10 -10.07
N ALA A 518 30.17 -14.43 -8.78
CA ALA A 518 29.31 -15.46 -8.22
C ALA A 518 27.94 -14.81 -7.94
N LEU A 519 26.88 -15.29 -8.60
CA LEU A 519 25.50 -14.90 -8.28
C LEU A 519 24.83 -16.03 -7.55
N THR A 520 24.21 -15.69 -6.42
CA THR A 520 23.58 -16.63 -5.52
C THR A 520 22.24 -16.01 -5.09
N ALA A 521 21.16 -16.72 -5.36
CA ALA A 521 19.85 -16.27 -4.93
C ALA A 521 19.77 -16.20 -3.41
N THR A 522 19.04 -15.18 -2.90
CA THR A 522 18.81 -15.04 -1.48
C THR A 522 17.43 -15.58 -1.13
N ALA A 523 17.12 -15.71 0.16
CA ALA A 523 15.84 -16.25 0.63
C ALA A 523 14.68 -15.32 0.28
N ASP A 524 14.96 -14.03 0.11
CA ASP A 524 13.93 -13.03 -0.11
C ASP A 524 13.90 -12.54 -1.55
N GLY A 525 14.31 -13.36 -2.54
CA GLY A 525 13.96 -13.10 -3.92
C GLY A 525 14.95 -12.21 -4.68
N TYR A 526 16.17 -12.11 -4.16
CA TYR A 526 17.22 -11.27 -4.74
C TYR A 526 18.43 -12.17 -4.97
N TYR A 527 19.56 -11.58 -5.36
CA TYR A 527 20.81 -12.29 -5.55
C TYR A 527 21.90 -11.44 -4.92
N THR A 528 22.86 -12.11 -4.28
CA THR A 528 24.15 -11.47 -4.04
C THR A 528 25.05 -11.66 -5.27
N VAL A 529 25.93 -10.68 -5.50
CA VAL A 529 26.76 -10.58 -6.69
C VAL A 529 28.22 -10.34 -6.25
N ARG A 530 29.01 -11.41 -6.25
CA ARG A 530 30.30 -11.42 -5.55
C ARG A 530 31.44 -11.59 -6.54
N SER A 531 32.44 -10.71 -6.44
CA SER A 531 33.58 -10.78 -7.36
C SER A 531 34.41 -12.07 -7.15
N THR A 532 34.57 -12.79 -8.26
CA THR A 532 35.41 -13.98 -8.32
C THR A 532 36.83 -13.58 -7.91
N GLU A 533 37.28 -12.45 -8.49
CA GLU A 533 38.65 -11.96 -8.33
C GLU A 533 38.89 -11.39 -6.93
N SER A 534 37.98 -10.53 -6.41
CA SER A 534 38.27 -9.81 -5.17
C SER A 534 37.60 -10.47 -3.95
N GLY A 535 36.52 -11.25 -4.16
CA GLY A 535 35.79 -11.81 -3.03
C GLY A 535 34.77 -10.83 -2.40
N GLN A 536 34.71 -9.59 -2.92
CA GLN A 536 33.84 -8.57 -2.34
C GLN A 536 32.52 -8.56 -3.09
N CYS A 537 31.47 -8.06 -2.42
CA CYS A 537 30.12 -8.05 -2.94
C CYS A 537 29.75 -6.68 -3.49
N LEU A 538 29.02 -6.69 -4.61
CA LEU A 538 28.43 -5.52 -5.24
C LEU A 538 27.44 -4.85 -4.28
N ASP A 539 27.64 -3.53 -4.10
CA ASP A 539 26.95 -2.80 -3.03
C ASP A 539 26.64 -1.40 -3.52
N ALA A 540 25.71 -0.77 -2.81
CA ALA A 540 25.39 0.63 -2.98
C ALA A 540 25.52 1.35 -1.64
N VAL A 541 26.62 2.10 -1.48
CA VAL A 541 26.96 2.77 -0.22
C VAL A 541 27.33 4.24 -0.40
N ARG A 542 27.36 4.69 -1.64
CA ARG A 542 27.87 6.02 -1.97
C ARG A 542 26.69 6.95 -2.27
N GLY A 543 26.88 8.24 -2.00
CA GLY A 543 25.91 9.25 -2.36
C GLY A 543 24.95 9.59 -1.21
N LYS A 544 24.03 10.49 -1.52
N LYS A 544 24.03 10.50 -1.48
CA LYS A 544 23.03 10.98 -0.57
CA LYS A 544 23.16 11.00 -0.42
C LYS A 544 22.22 9.81 -0.01
C LYS A 544 22.13 9.94 -0.03
N LYS A 545 21.91 9.84 1.29
CA LYS A 545 21.05 8.87 1.91
C LYS A 545 19.77 9.56 2.35
N TYR A 546 18.69 8.81 2.30
CA TYR A 546 17.43 9.17 2.97
C TYR A 546 16.94 7.95 3.72
N LEU A 547 16.60 8.11 5.02
CA LEU A 547 16.21 7.00 5.87
C LEU A 547 17.23 5.86 5.83
N GLY A 548 18.52 6.23 5.64
CA GLY A 548 19.61 5.26 5.66
C GLY A 548 19.87 4.59 4.32
N ALA A 549 19.00 4.84 3.33
CA ALA A 549 19.07 4.19 2.02
C ALA A 549 19.82 5.06 1.01
N PRO A 550 20.60 4.45 0.11
CA PRO A 550 21.36 5.16 -0.92
C PRO A 550 20.48 5.46 -2.12
N LEU A 551 19.86 6.63 -2.10
CA LEU A 551 18.86 6.98 -3.09
C LEU A 551 19.29 8.00 -4.13
N GLU A 552 20.61 8.23 -4.26
CA GLU A 552 21.11 9.21 -5.20
C GLU A 552 21.26 8.63 -6.61
N VAL A 553 20.46 9.13 -7.52
CA VAL A 553 20.62 8.79 -8.92
C VAL A 553 21.97 9.30 -9.42
N GLY A 554 22.74 8.41 -10.03
CA GLY A 554 24.08 8.71 -10.52
C GLY A 554 25.18 8.32 -9.56
N ALA A 555 24.83 7.91 -8.33
CA ALA A 555 25.82 7.44 -7.38
C ALA A 555 26.50 6.19 -7.91
N GLU A 556 27.78 6.10 -7.63
CA GLU A 556 28.61 4.98 -8.02
C GLU A 556 28.24 3.77 -7.16
N LEU A 557 28.19 2.59 -7.84
CA LEU A 557 28.24 1.33 -7.11
C LEU A 557 29.68 0.98 -6.73
N SER A 558 29.83 0.10 -5.74
CA SER A 558 31.14 -0.24 -5.23
C SER A 558 31.15 -1.63 -4.64
N LEU A 559 32.32 -2.05 -4.16
CA LEU A 559 32.47 -3.39 -3.64
C LEU A 559 32.80 -3.31 -2.16
N ALA A 560 32.17 -4.17 -1.37
CA ALA A 560 32.33 -4.16 0.06
C ALA A 560 32.37 -5.59 0.57
N ASN A 561 32.81 -5.79 1.80
CA ASN A 561 32.84 -7.10 2.40
C ASN A 561 31.42 -7.67 2.43
N CYS A 562 31.25 -8.91 1.95
CA CYS A 562 29.94 -9.51 1.89
C CYS A 562 29.35 -9.59 3.28
N SER A 563 28.09 -9.16 3.40
CA SER A 563 27.41 -9.19 4.68
C SER A 563 25.98 -9.65 4.45
N THR A 564 25.52 -10.63 5.23
CA THR A 564 24.16 -11.12 5.02
C THR A 564 23.16 -10.04 5.43
N THR A 565 23.51 -9.19 6.40
CA THR A 565 22.57 -8.18 6.84
C THR A 565 22.51 -6.96 5.92
N ALA A 566 23.52 -6.70 5.05
CA ALA A 566 23.52 -5.57 4.12
C ALA A 566 22.54 -5.81 2.97
N ARG A 567 21.38 -5.19 3.12
CA ARG A 567 20.32 -5.38 2.15
C ARG A 567 20.66 -4.65 0.87
N THR A 568 21.59 -3.69 0.93
CA THR A 568 22.09 -2.98 -0.24
C THR A 568 22.99 -3.88 -1.12
N GLN A 569 23.37 -5.06 -0.63
CA GLN A 569 24.11 -6.06 -1.41
C GLN A 569 23.17 -7.06 -2.07
N ARG A 570 21.85 -6.85 -1.93
CA ARG A 570 20.90 -7.71 -2.60
C ARG A 570 20.41 -7.06 -3.88
N TRP A 571 20.39 -7.83 -4.98
CA TRP A 571 20.09 -7.35 -6.31
C TRP A 571 18.94 -8.16 -6.92
N GLN A 572 17.94 -7.46 -7.49
CA GLN A 572 16.88 -8.11 -8.23
C GLN A 572 17.30 -8.28 -9.68
N LEU A 573 17.08 -9.47 -10.25
CA LEU A 573 17.43 -9.70 -11.63
C LEU A 573 16.19 -9.50 -12.48
N ASP A 574 16.12 -8.39 -13.22
CA ASP A 574 14.99 -8.09 -14.04
C ASP A 574 15.30 -8.60 -15.44
N THR A 575 14.46 -9.45 -16.03
CA THR A 575 14.88 -10.08 -17.27
C THR A 575 14.01 -9.60 -18.41
N GLY A 576 14.54 -9.77 -19.62
CA GLY A 576 14.01 -9.15 -20.82
C GLY A 576 15.03 -9.22 -21.96
N ALA A 577 14.55 -9.59 -23.16
CA ALA A 577 15.30 -9.49 -24.40
C ALA A 577 16.62 -10.27 -24.32
N GLY A 578 16.57 -11.49 -23.79
CA GLY A 578 17.75 -12.33 -23.61
C GLY A 578 18.81 -11.69 -22.72
N ALA A 579 18.43 -10.70 -21.92
CA ALA A 579 19.39 -10.03 -21.05
C ALA A 579 18.75 -9.76 -19.71
N LEU A 580 19.58 -9.24 -18.79
CA LEU A 580 19.11 -8.92 -17.46
C LEU A 580 19.58 -7.53 -17.08
N THR A 581 18.87 -6.95 -16.11
CA THR A 581 19.28 -5.70 -15.52
C THR A 581 19.32 -5.96 -14.03
N LEU A 582 20.19 -5.25 -13.33
CA LEU A 582 20.42 -5.47 -11.92
C LEU A 582 19.81 -4.30 -11.18
N ARG A 583 18.79 -4.60 -10.36
CA ARG A 583 18.10 -3.60 -9.56
C ARG A 583 18.45 -3.74 -8.11
N ASN A 584 18.92 -2.64 -7.52
CA ASN A 584 19.30 -2.71 -6.13
C ASN A 584 18.04 -2.93 -5.28
N ALA A 585 18.05 -3.91 -4.39
CA ALA A 585 16.86 -4.24 -3.63
C ALA A 585 16.34 -3.02 -2.91
N ILE A 586 17.25 -2.26 -2.28
CA ILE A 586 16.83 -1.17 -1.42
C ILE A 586 16.56 0.09 -2.22
N SER A 587 17.49 0.50 -3.10
CA SER A 587 17.30 1.77 -3.78
C SER A 587 16.34 1.65 -4.94
N GLN A 588 16.15 0.43 -5.49
CA GLN A 588 15.24 0.23 -6.61
C GLN A 588 15.67 0.97 -7.87
N LEU A 589 16.96 1.36 -7.91
CA LEU A 589 17.64 1.86 -9.09
C LEU A 589 18.43 0.72 -9.73
N HIS A 590 18.79 0.88 -11.02
CA HIS A 590 19.44 -0.17 -11.77
C HIS A 590 20.89 0.20 -12.07
N LEU A 591 21.73 -0.83 -12.07
CA LEU A 591 23.09 -0.68 -12.53
C LEU A 591 23.10 -0.17 -13.97
N THR A 592 23.86 0.91 -14.18
CA THR A 592 23.91 1.61 -15.44
C THR A 592 25.38 2.00 -15.68
N GLU A 593 25.91 1.76 -16.91
CA GLU A 593 27.21 2.29 -17.30
C GLU A 593 27.17 3.81 -17.48
N ARG A 594 28.06 4.49 -16.77
CA ARG A 594 28.22 5.92 -16.95
C ARG A 594 29.09 6.13 -18.19
N ALA A 595 28.60 6.90 -19.16
CA ALA A 595 29.27 7.12 -20.43
C ALA A 595 30.68 7.70 -20.29
N SER A 596 30.93 8.61 -19.32
CA SER A 596 32.19 9.34 -19.32
C SER A 596 33.38 8.44 -18.97
N ASP A 597 33.20 7.48 -18.05
CA ASP A 597 34.31 6.75 -17.48
C ASP A 597 34.05 5.25 -17.38
N GLY A 598 32.85 4.82 -17.79
CA GLY A 598 32.51 3.40 -17.77
C GLY A 598 32.15 2.87 -16.36
N ALA A 599 32.05 3.74 -15.34
CA ALA A 599 31.71 3.33 -13.99
C ALA A 599 30.30 2.76 -13.95
N ALA A 600 30.12 1.75 -13.11
CA ALA A 600 28.76 1.29 -12.80
C ALA A 600 28.16 2.23 -11.77
N VAL A 601 27.06 2.85 -12.17
CA VAL A 601 26.35 3.77 -11.28
C VAL A 601 24.90 3.30 -11.19
N GLN A 602 24.12 3.91 -10.29
CA GLN A 602 22.71 3.55 -10.26
C GLN A 602 21.81 4.64 -10.83
N THR A 603 20.87 4.28 -11.69
CA THR A 603 19.96 5.20 -12.34
C THR A 603 18.58 4.60 -12.45
N THR A 604 17.61 5.42 -12.91
CA THR A 604 16.25 4.94 -13.17
C THR A 604 16.14 4.34 -14.56
N GLY A 605 17.19 4.42 -15.37
CA GLY A 605 17.28 3.58 -16.57
C GLY A 605 18.05 2.31 -16.23
N ALA A 606 18.86 1.78 -17.15
CA ALA A 606 19.57 0.53 -16.89
C ALA A 606 20.52 0.20 -18.01
N THR A 607 21.58 -0.54 -17.68
CA THR A 607 22.37 -1.19 -18.72
C THR A 607 21.97 -2.67 -18.76
N ARG A 608 21.62 -3.14 -19.97
CA ARG A 608 21.35 -4.54 -20.20
C ARG A 608 22.65 -5.36 -20.25
N LEU A 609 22.68 -6.42 -19.44
CA LEU A 609 23.79 -7.29 -19.24
C LEU A 609 23.40 -8.67 -19.76
N THR A 610 24.32 -9.27 -20.50
CA THR A 610 24.22 -10.66 -20.89
C THR A 610 25.00 -11.48 -19.89
N ALA A 611 24.35 -12.50 -19.33
CA ALA A 611 25.00 -13.39 -18.39
C ALA A 611 25.59 -14.55 -19.20
N ARG A 612 26.92 -14.78 -19.06
CA ARG A 612 27.63 -15.85 -19.74
C ARG A 612 28.35 -16.70 -18.70
N ALA A 613 28.05 -18.01 -18.60
CA ALA A 613 28.69 -18.87 -17.62
C ALA A 613 30.21 -18.78 -17.80
N ALA A 614 30.98 -18.74 -16.70
CA ALA A 614 32.39 -18.35 -16.80
C ALA A 614 33.20 -18.78 -15.56
O5 A2G B . 5.04 6.18 13.09
C1 A2G B . 4.25 7.36 13.16
O1 A2G B . 2.97 7.19 12.57
C2 A2G B . 5.01 8.44 12.41
N2 A2G B . 4.28 9.69 12.48
C3 A2G B . 5.15 8.02 10.96
O3 A2G B . 5.74 9.09 10.27
C4 A2G B . 5.97 6.74 10.89
O4 A2G B . 7.31 7.03 11.32
C5 A2G B . 5.28 5.69 11.75
C6 A2G B . 6.02 4.39 11.96
O6 A2G B . 7.16 4.52 12.88
C7 A2G B . 4.64 10.60 13.38
O7 A2G B . 5.45 10.35 14.28
C8 A2G B . 3.93 11.91 13.33
C1 GAL B . 5.78 8.94 8.78
C2 GAL B . 5.39 10.25 8.15
C3 GAL B . 5.53 10.15 6.67
C4 GAL B . 6.93 9.64 6.29
C5 GAL B . 7.25 8.37 7.04
C6 GAL B . 8.63 7.86 6.80
O2 GAL B . 4.01 10.55 8.40
O3 GAL B . 5.25 11.40 6.08
O4 GAL B . 7.92 10.65 6.57
O5 GAL B . 7.14 8.59 8.46
O6 GAL B . 8.76 6.49 7.24
#